data_3ET1
#
_entry.id   3ET1
#
_cell.length_a   83.869
_cell.length_b   89.595
_cell.length_c   101.115
_cell.angle_alpha   90.00
_cell.angle_beta   90.00
_cell.angle_gamma   90.00
#
_symmetry.space_group_name_H-M   'P 21 21 21'
#
loop_
_entity.id
_entity.type
_entity.pdbx_description
1 polymer 'Peroxisome proliferator-activated receptor alpha'
2 polymer 'Steroid receptor coactivator 1'
3 non-polymer '3-{5-methoxy-1-[(4-methoxyphenyl)sulfonyl]-1H-indol-3-yl}propanoic acid'
4 water water
#
loop_
_entity_poly.entity_id
_entity_poly.type
_entity_poly.pdbx_seq_one_letter_code
_entity_poly.pdbx_strand_id
1 'polypeptide(L)'
;MGSSHHHHHHSSGLVPRGSHMETADLKSLAKRIYEAYLKNFNMNKVKARVILSGKASNNPPFVIHDMETLCMAEKTLVAK
LVANGIQNKEAEVRIFHCCQCTSVETVTELTEFAKAIPGFANLDLNDQVTLLKYGVYEAIFAMLSSVMNKDGMLVAYGNG
FITREFLKSLRKPFCDIMEPKFDFAMKFNALELDDSDISLFVAAIICCGDRPGLLNVGHIEKMQEGIVHVLRLHLQSNHP
DDIFLFPKLLQKMADLRQLVTEHAQLVQIIKKTESDAALHPLLQEIYRDMY
;
A,B
2 'polypeptide(L)' SSLTERHKILHRLLQE P,Q
#
loop_
_chem_comp.id
_chem_comp.type
_chem_comp.name
_chem_comp.formula
ET1 non-polymer '3-{5-methoxy-1-[(4-methoxyphenyl)sulfonyl]-1H-indol-3-yl}propanoic acid' 'C19 H19 N O6 S'
#
# COMPACT_ATOMS: atom_id res chain seq x y z
N GLU A 22 -8.98 -10.47 28.54
CA GLU A 22 -7.72 -10.44 27.79
C GLU A 22 -6.89 -11.71 28.00
N THR A 23 -7.00 -12.32 29.18
CA THR A 23 -6.32 -13.58 29.41
C THR A 23 -6.78 -14.60 28.37
N ALA A 24 -7.95 -14.33 27.80
CA ALA A 24 -8.53 -15.14 26.76
C ALA A 24 -7.83 -14.97 25.40
N ASP A 25 -7.49 -13.73 25.05
CA ASP A 25 -6.93 -13.49 23.72
C ASP A 25 -5.44 -13.82 23.59
N LEU A 26 -4.84 -14.39 24.63
CA LEU A 26 -3.45 -14.86 24.56
C LEU A 26 -3.29 -15.98 23.54
N LYS A 27 -4.26 -16.87 23.50
CA LYS A 27 -4.14 -18.12 22.74
C LYS A 27 -3.86 -17.89 21.25
N SER A 28 -4.43 -16.81 20.71
CA SER A 28 -4.24 -16.46 19.31
C SER A 28 -3.47 -15.16 19.18
N LEU A 29 -2.94 -14.67 20.30
CA LEU A 29 -2.19 -13.43 20.31
C LEU A 29 -1.01 -13.44 19.32
N ALA A 30 -0.18 -14.48 19.39
CA ALA A 30 0.93 -14.65 18.45
C ALA A 30 0.43 -14.56 17.00
N LYS A 31 -0.53 -15.42 16.66
CA LYS A 31 -1.08 -15.43 15.30
C LYS A 31 -1.62 -14.05 14.92
N ARG A 32 -2.26 -13.39 15.88
CA ARG A 32 -2.87 -12.09 15.63
C ARG A 32 -1.81 -11.05 15.28
N ILE A 33 -0.77 -10.99 16.11
CA ILE A 33 0.31 -10.02 15.91
C ILE A 33 1.03 -10.24 14.57
N TYR A 34 1.30 -11.52 14.27
CA TYR A 34 1.93 -11.88 13.03
C TYR A 34 1.18 -11.38 11.79
N GLU A 35 -0.10 -11.68 11.68
CA GLU A 35 -0.79 -11.27 10.48
C GLU A 35 -1.05 -9.75 10.38
N ALA A 36 -0.90 -9.05 11.50
CA ALA A 36 -0.90 -7.59 11.47
C ALA A 36 0.40 -7.15 10.81
N TYR A 37 1.44 -7.91 11.07
CA TYR A 37 2.76 -7.63 10.56
C TYR A 37 2.79 -7.79 9.05
N LEU A 38 2.21 -8.90 8.58
CA LEU A 38 2.13 -9.21 7.17
C LEU A 38 1.25 -8.21 6.45
N LYS A 39 0.13 -7.87 7.08
CA LYS A 39 -0.80 -6.91 6.51
C LYS A 39 -0.15 -5.53 6.36
N ASN A 40 0.59 -5.11 7.37
CA ASN A 40 1.05 -3.73 7.46
C ASN A 40 2.45 -3.38 6.95
N PHE A 41 3.29 -4.38 6.70
CA PHE A 41 4.65 -4.08 6.22
C PHE A 41 4.90 -4.66 4.83
N ASN A 42 4.99 -3.76 3.87
CA ASN A 42 5.21 -4.10 2.46
C ASN A 42 6.37 -5.07 2.23
N MET A 43 7.51 -4.78 2.84
CA MET A 43 8.69 -5.63 2.72
C MET A 43 8.91 -6.44 3.99
N ASN A 44 9.20 -7.72 3.83
CA ASN A 44 9.45 -8.57 4.98
C ASN A 44 10.69 -9.43 4.78
N LYS A 45 11.05 -10.20 5.81
CA LYS A 45 12.31 -10.94 5.78
C LYS A 45 12.33 -12.03 4.72
N VAL A 46 11.20 -12.72 4.56
CA VAL A 46 11.18 -13.84 3.64
C VAL A 46 11.28 -13.34 2.20
N LYS A 47 10.74 -12.15 1.95
CA LYS A 47 10.83 -11.52 0.65
C LYS A 47 12.23 -10.99 0.40
N ALA A 48 12.79 -10.31 1.39
CA ALA A 48 14.12 -9.73 1.24
C ALA A 48 15.15 -10.83 1.03
N ARG A 49 14.94 -11.95 1.71
CA ARG A 49 15.92 -13.03 1.68
C ARG A 49 16.00 -13.75 0.33
N VAL A 50 14.88 -13.88 -0.37
CA VAL A 50 14.96 -14.50 -1.68
C VAL A 50 15.65 -13.53 -2.63
N ILE A 51 15.27 -12.25 -2.56
CA ILE A 51 15.90 -11.23 -3.38
C ILE A 51 17.42 -11.19 -3.16
N LEU A 52 17.82 -11.17 -1.89
CA LEU A 52 19.25 -11.07 -1.57
C LEU A 52 19.99 -12.35 -1.93
N SER A 53 19.25 -13.42 -2.19
CA SER A 53 19.86 -14.69 -2.55
C SER A 53 19.71 -14.99 -4.03
N GLY A 54 19.19 -14.01 -4.78
CA GLY A 54 18.93 -14.18 -6.20
C GLY A 54 18.66 -15.61 -6.58
N LYS A 55 17.52 -16.14 -6.16
CA LYS A 55 17.15 -17.51 -6.50
C LYS A 55 15.83 -17.56 -7.26
N ALA A 56 14.99 -16.55 -7.06
CA ALA A 56 13.73 -16.44 -7.79
C ALA A 56 13.92 -15.74 -9.14
N SER A 57 15.11 -15.20 -9.35
CA SER A 57 15.29 -14.25 -10.44
C SER A 57 16.65 -14.35 -11.12
N ASN A 58 16.65 -14.13 -12.43
CA ASN A 58 17.86 -13.95 -13.21
C ASN A 58 18.33 -12.50 -13.20
N ASN A 59 17.49 -11.62 -12.65
CA ASN A 59 17.67 -10.19 -12.75
C ASN A 59 17.79 -9.54 -11.37
N PRO A 60 19.03 -9.42 -10.87
CA PRO A 60 19.34 -8.92 -9.53
C PRO A 60 19.00 -7.44 -9.40
N PRO A 61 18.97 -6.91 -8.17
CA PRO A 61 18.76 -5.48 -7.95
C PRO A 61 19.88 -4.68 -8.58
N PHE A 62 19.58 -3.48 -9.07
CA PHE A 62 20.59 -2.54 -9.48
C PHE A 62 21.52 -2.19 -8.32
N VAL A 63 22.82 -2.25 -8.55
CA VAL A 63 23.79 -2.06 -7.48
C VAL A 63 24.33 -0.64 -7.47
N ILE A 64 24.07 0.08 -6.37
CA ILE A 64 24.62 1.41 -6.15
C ILE A 64 25.84 1.32 -5.25
N HIS A 65 27.02 1.48 -5.84
CA HIS A 65 28.25 1.19 -5.13
C HIS A 65 29.24 2.33 -5.24
N ASP A 66 28.88 3.33 -6.03
CA ASP A 66 29.67 4.55 -6.15
C ASP A 66 28.79 5.71 -6.58
N MET A 67 29.39 6.89 -6.65
CA MET A 67 28.63 8.10 -6.96
C MET A 67 27.95 8.01 -8.32
N GLU A 68 28.60 7.34 -9.26
CA GLU A 68 28.06 7.26 -10.62
C GLU A 68 26.81 6.40 -10.66
N THR A 69 26.89 5.24 -10.01
CA THR A 69 25.75 4.34 -9.97
C THR A 69 24.60 4.96 -9.16
N LEU A 70 24.93 5.78 -8.17
CA LEU A 70 23.90 6.56 -7.49
C LEU A 70 23.17 7.43 -8.51
N CYS A 71 23.92 8.27 -9.22
CA CYS A 71 23.35 9.18 -10.20
C CYS A 71 22.49 8.44 -11.21
N MET A 72 22.98 7.30 -11.65
CA MET A 72 22.20 6.43 -12.51
C MET A 72 20.82 6.13 -11.93
N ALA A 73 20.79 5.68 -10.67
CA ALA A 73 19.53 5.29 -10.06
C ALA A 73 18.61 6.49 -9.89
N GLU A 74 19.16 7.62 -9.48
CA GLU A 74 18.36 8.82 -9.29
C GLU A 74 17.56 9.17 -10.54
N LYS A 75 18.01 8.69 -11.70
CA LYS A 75 17.33 8.99 -12.97
C LYS A 75 15.88 8.49 -12.93
N THR A 76 15.62 7.46 -12.15
CA THR A 76 14.25 7.00 -11.94
C THR A 76 13.43 8.07 -11.22
N LEU A 77 14.13 9.08 -10.71
CA LEU A 77 13.55 10.25 -10.07
C LEU A 77 12.68 9.89 -8.88
N VAL A 78 11.61 10.65 -8.69
CA VAL A 78 10.61 10.36 -7.66
C VAL A 78 9.82 9.13 -8.09
N ALA A 79 9.86 8.84 -9.39
CA ALA A 79 9.19 7.68 -9.96
C ALA A 79 9.82 6.37 -9.48
N GLN A 87 14.69 20.91 -4.70
CA GLN A 87 15.49 19.78 -4.23
C GLN A 87 16.70 19.57 -5.14
N ASN A 88 17.32 18.40 -5.04
CA ASN A 88 18.52 18.08 -5.81
C ASN A 88 19.73 18.93 -5.39
N LYS A 89 20.52 18.41 -4.45
CA LYS A 89 21.64 19.16 -3.91
C LYS A 89 22.96 18.40 -3.98
N GLU A 90 23.58 18.15 -2.82
CA GLU A 90 24.80 17.34 -2.76
C GLU A 90 24.42 15.87 -2.53
N ALA A 91 25.32 14.96 -2.92
CA ALA A 91 25.00 13.52 -2.92
C ALA A 91 24.53 13.00 -1.56
N GLU A 92 25.25 13.35 -0.50
CA GLU A 92 24.90 12.88 0.84
C GLU A 92 23.49 13.34 1.19
N VAL A 93 23.21 14.63 0.97
CA VAL A 93 21.92 15.21 1.32
C VAL A 93 20.81 14.54 0.53
N ARG A 94 21.14 14.13 -0.68
CA ARG A 94 20.17 13.46 -1.53
C ARG A 94 19.85 12.08 -0.98
N ILE A 95 20.88 11.38 -0.52
CA ILE A 95 20.71 10.06 0.07
C ILE A 95 19.93 10.23 1.35
N PHE A 96 20.28 11.28 2.08
CA PHE A 96 19.70 11.59 3.38
C PHE A 96 18.19 11.75 3.27
N HIS A 97 17.76 12.60 2.34
CA HIS A 97 16.34 12.87 2.15
C HIS A 97 15.55 11.61 1.78
N CYS A 98 16.12 10.79 0.91
CA CYS A 98 15.47 9.56 0.46
C CYS A 98 15.24 8.56 1.60
N CYS A 99 16.17 8.51 2.54
CA CYS A 99 16.02 7.66 3.70
C CYS A 99 14.81 8.08 4.54
N GLN A 100 14.66 9.39 4.73
CA GLN A 100 13.52 9.92 5.47
C GLN A 100 12.23 9.41 4.87
N CYS A 101 12.21 9.28 3.55
CA CYS A 101 11.01 8.84 2.85
C CYS A 101 10.64 7.44 3.32
N THR A 102 11.62 6.54 3.32
CA THR A 102 11.38 5.18 3.79
C THR A 102 11.01 5.20 5.27
N SER A 103 11.69 6.04 6.06
CA SER A 103 11.40 6.19 7.50
C SER A 103 9.96 6.61 7.75
N VAL A 104 9.51 7.63 7.04
CA VAL A 104 8.14 8.09 7.16
C VAL A 104 7.17 6.95 6.85
N GLU A 105 7.43 6.25 5.76
CA GLU A 105 6.58 5.15 5.34
C GLU A 105 6.50 4.06 6.42
N THR A 106 7.62 3.81 7.10
CA THR A 106 7.67 2.76 8.11
C THR A 106 7.01 3.20 9.42
N VAL A 107 7.29 4.42 9.87
CA VAL A 107 6.61 4.97 11.04
C VAL A 107 5.11 4.84 10.88
N THR A 108 4.62 5.27 9.72
CA THR A 108 3.21 5.18 9.40
C THR A 108 2.71 3.74 9.55
N GLU A 109 3.41 2.81 8.92
CA GLU A 109 3.08 1.39 8.96
C GLU A 109 3.07 0.88 10.39
N LEU A 110 4.11 1.20 11.15
CA LEU A 110 4.17 0.86 12.58
C LEU A 110 2.98 1.43 13.36
N THR A 111 2.56 2.63 13.01
CA THR A 111 1.40 3.24 13.65
C THR A 111 0.20 2.34 13.49
N GLU A 112 -0.11 1.97 12.25
CA GLU A 112 -1.19 1.03 11.99
C GLU A 112 -0.93 -0.28 12.71
N PHE A 113 0.28 -0.80 12.60
CA PHE A 113 0.64 -2.04 13.26
C PHE A 113 0.30 -2.05 14.76
N ALA A 114 0.63 -0.97 15.46
CA ALA A 114 0.42 -0.90 16.91
C ALA A 114 -1.07 -0.86 17.26
N LYS A 115 -1.83 -0.12 16.47
CA LYS A 115 -3.27 -0.06 16.68
C LYS A 115 -3.85 -1.47 16.74
N ALA A 116 -3.18 -2.40 16.06
CA ALA A 116 -3.66 -3.77 15.93
C ALA A 116 -3.29 -4.66 17.12
N ILE A 117 -2.39 -4.17 17.97
CA ILE A 117 -2.04 -4.89 19.18
C ILE A 117 -3.15 -4.73 20.21
N PRO A 118 -3.74 -5.85 20.64
CA PRO A 118 -4.86 -5.84 21.59
C PRO A 118 -4.61 -4.93 22.78
N GLY A 119 -5.51 -3.96 22.98
CA GLY A 119 -5.41 -3.05 24.10
C GLY A 119 -4.61 -1.78 23.82
N PHE A 120 -4.02 -1.67 22.63
CA PHE A 120 -3.21 -0.49 22.32
C PHE A 120 -4.06 0.76 22.08
N ALA A 121 -5.10 0.61 21.26
CA ALA A 121 -6.03 1.71 21.01
C ALA A 121 -6.86 2.03 22.26
N ASN A 122 -7.01 1.04 23.14
CA ASN A 122 -7.70 1.24 24.41
C ASN A 122 -6.85 2.01 25.41
N LEU A 123 -5.69 2.49 24.94
CA LEU A 123 -4.78 3.24 25.80
C LEU A 123 -5.02 4.73 25.66
N ASP A 124 -4.63 5.48 26.69
CA ASP A 124 -4.69 6.94 26.62
C ASP A 124 -3.92 7.41 25.39
N LEU A 125 -4.55 8.24 24.57
CA LEU A 125 -3.95 8.70 23.33
C LEU A 125 -2.58 9.35 23.50
N ASN A 126 -2.33 9.95 24.65
CA ASN A 126 -1.01 10.52 24.92
C ASN A 126 0.01 9.43 25.21
N ASP A 127 -0.48 8.25 25.54
CA ASP A 127 0.38 7.10 25.77
C ASP A 127 0.61 6.34 24.46
N GLN A 128 -0.42 6.26 23.64
CA GLN A 128 -0.28 5.69 22.31
C GLN A 128 0.82 6.44 21.55
N VAL A 129 0.97 7.74 21.82
CA VAL A 129 2.00 8.51 21.12
C VAL A 129 3.40 8.34 21.71
N THR A 130 3.52 8.30 23.04
CA THR A 130 4.86 8.14 23.61
C THR A 130 5.41 6.74 23.33
N LEU A 131 4.53 5.77 23.31
CA LEU A 131 4.94 4.41 22.95
C LEU A 131 5.53 4.38 21.54
N LEU A 132 4.83 5.01 20.60
CA LEU A 132 5.32 5.12 19.23
C LEU A 132 6.57 6.00 19.11
N LYS A 133 6.57 7.12 19.81
CA LYS A 133 7.70 8.04 19.78
C LYS A 133 9.02 7.33 20.09
N TYR A 134 9.05 6.59 21.18
CA TYR A 134 10.30 5.98 21.64
C TYR A 134 10.56 4.63 21.00
N GLY A 135 9.51 4.04 20.45
CA GLY A 135 9.57 2.70 19.93
C GLY A 135 9.79 2.59 18.42
N VAL A 136 9.38 3.60 17.65
CA VAL A 136 9.44 3.44 16.19
C VAL A 136 10.85 3.09 15.70
N TYR A 137 11.84 3.87 16.11
CA TYR A 137 13.19 3.65 15.59
C TYR A 137 13.83 2.36 16.07
N GLU A 138 13.53 1.94 17.30
CA GLU A 138 14.01 0.66 17.78
C GLU A 138 13.49 -0.44 16.88
N ALA A 139 12.19 -0.39 16.59
CA ALA A 139 11.55 -1.39 15.75
C ALA A 139 12.05 -1.28 14.31
N ILE A 140 12.31 -0.06 13.86
CA ILE A 140 12.81 0.16 12.51
C ILE A 140 14.18 -0.45 12.31
N PHE A 141 15.07 -0.22 13.25
CA PHE A 141 16.41 -0.81 13.20
C PHE A 141 16.35 -2.32 13.28
N ALA A 142 15.37 -2.83 14.03
CA ALA A 142 15.21 -4.27 14.15
C ALA A 142 14.78 -4.86 12.81
N MET A 143 13.80 -4.23 12.18
CA MET A 143 13.29 -4.69 10.89
C MET A 143 14.24 -4.44 9.72
N LEU A 144 15.05 -3.38 9.81
CA LEU A 144 16.11 -3.11 8.84
C LEU A 144 17.01 -4.31 8.57
N SER A 145 17.38 -5.00 9.66
CA SER A 145 18.22 -6.21 9.59
C SER A 145 17.77 -7.18 8.51
N SER A 146 16.47 -7.22 8.27
CA SER A 146 15.93 -8.11 7.24
C SER A 146 16.43 -7.78 5.84
N VAL A 147 16.65 -6.51 5.55
CA VAL A 147 17.03 -6.11 4.20
C VAL A 147 18.54 -5.93 4.11
N MET A 148 19.25 -6.35 5.16
CA MET A 148 20.70 -6.19 5.20
C MET A 148 21.48 -7.49 5.16
N ASN A 149 22.62 -7.44 4.49
CA ASN A 149 23.68 -8.39 4.70
C ASN A 149 25.01 -7.63 4.89
N LYS A 150 26.11 -8.37 5.07
CA LYS A 150 27.37 -7.74 5.43
C LYS A 150 27.90 -6.77 4.36
N ASP A 151 27.39 -6.87 3.14
CA ASP A 151 27.86 -6.02 2.05
C ASP A 151 26.93 -4.86 1.69
N GLY A 152 25.70 -4.88 2.18
CA GLY A 152 24.81 -3.79 1.87
C GLY A 152 23.38 -4.07 2.22
N MET A 153 22.46 -3.36 1.56
CA MET A 153 21.06 -3.49 1.88
C MET A 153 20.16 -3.17 0.70
N LEU A 154 18.98 -3.79 0.71
CA LEU A 154 17.97 -3.52 -0.29
C LEU A 154 17.37 -2.15 -0.06
N VAL A 155 17.14 -1.42 -1.15
CA VAL A 155 16.45 -0.14 -1.10
C VAL A 155 15.39 -0.17 -2.20
N ALA A 156 14.55 0.87 -2.23
CA ALA A 156 13.49 0.99 -3.24
C ALA A 156 12.78 -0.32 -3.48
N TYR A 157 12.25 -0.89 -2.41
CA TYR A 157 11.41 -2.08 -2.46
C TYR A 157 12.09 -3.32 -3.01
N GLY A 158 13.41 -3.39 -2.87
CA GLY A 158 14.18 -4.54 -3.32
C GLY A 158 14.68 -4.39 -4.75
N ASN A 159 14.37 -3.26 -5.38
CA ASN A 159 14.82 -3.05 -6.75
C ASN A 159 16.27 -2.56 -6.78
N GLY A 160 16.73 -1.99 -5.66
CA GLY A 160 18.10 -1.51 -5.56
C GLY A 160 18.90 -2.16 -4.44
N PHE A 161 20.21 -2.02 -4.51
CA PHE A 161 21.09 -2.54 -3.47
C PHE A 161 22.27 -1.60 -3.34
N ILE A 162 22.28 -0.85 -2.24
CA ILE A 162 23.35 0.10 -1.98
C ILE A 162 24.38 -0.54 -1.07
N THR A 163 25.65 -0.39 -1.42
CA THR A 163 26.69 -1.11 -0.69
C THR A 163 27.03 -0.44 0.63
N ARG A 164 27.40 -1.27 1.58
CA ARG A 164 27.91 -0.80 2.86
C ARG A 164 29.14 0.10 2.66
N GLU A 165 30.10 -0.38 1.87
CA GLU A 165 31.34 0.37 1.61
C GLU A 165 31.12 1.74 0.99
N PHE A 166 30.12 1.84 0.12
CA PHE A 166 29.81 3.12 -0.50
C PHE A 166 29.31 4.09 0.56
N LEU A 167 28.32 3.64 1.32
CA LEU A 167 27.78 4.43 2.42
C LEU A 167 28.88 4.89 3.38
N LYS A 168 29.84 4.01 3.63
CA LYS A 168 30.95 4.32 4.54
C LYS A 168 31.88 5.36 3.93
N SER A 169 31.97 5.33 2.59
CA SER A 169 32.85 6.23 1.86
C SER A 169 32.25 7.62 1.80
N LEU A 170 30.99 7.76 2.19
CA LEU A 170 30.38 9.08 2.22
C LEU A 170 31.20 9.99 3.12
N ARG A 171 30.80 11.25 3.20
CA ARG A 171 31.66 12.23 3.85
C ARG A 171 31.30 12.56 5.29
N LYS A 172 32.22 13.30 5.92
CA LYS A 172 32.12 13.81 7.29
C LYS A 172 31.14 13.11 8.24
N PRO A 173 29.87 13.52 8.28
CA PRO A 173 28.99 12.86 9.25
C PRO A 173 28.14 11.72 8.64
N PHE A 174 27.68 11.94 7.42
CA PHE A 174 26.71 11.05 6.79
C PHE A 174 27.17 9.60 6.67
N CYS A 175 28.48 9.39 6.65
CA CYS A 175 29.03 8.06 6.52
C CYS A 175 29.00 7.32 7.85
N ASP A 176 28.40 7.96 8.85
CA ASP A 176 28.43 7.47 10.22
C ASP A 176 27.04 7.02 10.67
N ILE A 177 26.06 7.18 9.80
CA ILE A 177 24.69 6.94 10.21
C ILE A 177 24.25 5.48 10.06
N MET A 178 24.56 4.89 8.91
CA MET A 178 24.13 3.53 8.62
C MET A 178 25.05 2.47 9.23
N GLU A 179 26.33 2.78 9.32
CA GLU A 179 27.31 1.75 9.71
C GLU A 179 26.98 0.98 10.99
N PRO A 180 26.62 1.69 12.08
CA PRO A 180 26.32 0.99 13.34
C PRO A 180 25.10 0.08 13.20
N LYS A 181 24.20 0.41 12.29
CA LYS A 181 23.02 -0.40 12.00
C LYS A 181 23.43 -1.70 11.31
N PHE A 182 24.42 -1.63 10.44
CA PHE A 182 24.90 -2.86 9.81
C PHE A 182 25.48 -3.75 10.90
N ASP A 183 26.25 -3.13 11.79
CA ASP A 183 26.90 -3.84 12.88
C ASP A 183 25.87 -4.59 13.75
N PHE A 184 24.76 -3.93 14.07
CA PHE A 184 23.69 -4.56 14.83
C PHE A 184 23.00 -5.67 14.03
N ALA A 185 22.74 -5.39 12.76
CA ALA A 185 21.99 -6.31 11.91
C ALA A 185 22.71 -7.63 11.71
N MET A 186 24.03 -7.58 11.64
CA MET A 186 24.81 -8.79 11.39
C MET A 186 24.71 -9.76 12.56
N LYS A 187 24.71 -9.22 13.77
CA LYS A 187 24.54 -10.03 14.97
C LYS A 187 23.08 -10.45 15.18
N PHE A 188 22.15 -9.57 14.85
CA PHE A 188 20.73 -9.87 14.96
C PHE A 188 20.32 -10.92 13.94
N ASN A 189 20.90 -10.87 12.76
CA ASN A 189 20.57 -11.82 11.72
C ASN A 189 21.13 -13.21 12.01
N ALA A 190 22.15 -13.27 12.85
CA ALA A 190 22.71 -14.55 13.21
C ALA A 190 21.75 -15.33 14.13
N LEU A 191 20.74 -14.64 14.67
CA LEU A 191 19.73 -15.31 15.49
C LEU A 191 18.74 -16.05 14.64
N GLU A 192 18.68 -15.70 13.36
CA GLU A 192 17.88 -16.44 12.39
C GLU A 192 16.39 -16.43 12.73
N LEU A 193 15.92 -15.27 13.18
CA LEU A 193 14.52 -15.10 13.47
C LEU A 193 13.74 -15.14 12.18
N ASP A 194 12.49 -15.59 12.26
CA ASP A 194 11.60 -15.41 11.11
C ASP A 194 10.61 -14.27 11.41
N ASP A 195 9.73 -13.98 10.47
CA ASP A 195 8.78 -12.88 10.61
C ASP A 195 7.81 -13.07 11.78
N SER A 196 7.41 -14.32 12.02
CA SER A 196 6.53 -14.59 13.15
C SER A 196 7.24 -14.28 14.47
N ASP A 197 8.55 -14.54 14.54
CA ASP A 197 9.35 -14.11 15.67
C ASP A 197 9.44 -12.58 15.72
N ILE A 198 9.82 -11.98 14.58
CA ILE A 198 10.10 -10.56 14.48
C ILE A 198 8.86 -9.70 14.81
N SER A 199 7.71 -10.10 14.29
CA SER A 199 6.45 -9.42 14.62
C SER A 199 6.23 -9.30 16.13
N LEU A 200 6.39 -10.42 16.85
CA LEU A 200 6.22 -10.42 18.30
C LEU A 200 7.24 -9.52 18.96
N PHE A 201 8.48 -9.61 18.49
CA PHE A 201 9.60 -8.80 18.98
C PHE A 201 9.27 -7.32 18.86
N VAL A 202 8.79 -6.93 17.69
CA VAL A 202 8.46 -5.54 17.43
C VAL A 202 7.30 -5.11 18.31
N ALA A 203 6.35 -6.02 18.50
CA ALA A 203 5.21 -5.75 19.36
C ALA A 203 5.68 -5.47 20.79
N ALA A 204 6.66 -6.25 21.25
CA ALA A 204 7.20 -6.10 22.60
C ALA A 204 8.02 -4.82 22.75
N ILE A 205 8.79 -4.52 21.72
CA ILE A 205 9.53 -3.28 21.59
C ILE A 205 8.59 -2.10 21.79
N ILE A 206 7.41 -2.18 21.18
CA ILE A 206 6.44 -1.10 21.20
C ILE A 206 5.76 -0.89 22.56
N CYS A 207 5.28 -2.00 23.15
CA CYS A 207 4.55 -1.92 24.43
C CYS A 207 5.49 -1.96 25.63
N CYS A 208 6.31 -0.93 25.74
CA CYS A 208 7.36 -0.88 26.75
C CYS A 208 6.88 -0.03 27.91
N GLY A 209 6.89 -0.60 29.12
CA GLY A 209 6.35 0.07 30.29
C GLY A 209 7.15 1.24 30.86
N ASP A 210 8.44 1.31 30.52
CA ASP A 210 9.32 2.29 31.15
C ASP A 210 9.71 3.48 30.25
N ARG A 211 8.88 3.79 29.26
CA ARG A 211 9.14 4.96 28.43
C ARG A 211 8.74 6.20 29.21
N PRO A 212 9.47 7.31 29.00
CA PRO A 212 9.19 8.59 29.67
C PRO A 212 7.79 9.14 29.39
N GLY A 213 7.16 9.71 30.43
CA GLY A 213 5.90 10.43 30.27
C GLY A 213 4.66 9.58 30.08
N LEU A 214 4.78 8.28 30.34
CA LEU A 214 3.64 7.36 30.24
C LEU A 214 2.66 7.55 31.40
N LEU A 215 1.39 7.69 31.08
CA LEU A 215 0.36 7.94 32.10
C LEU A 215 0.05 6.71 32.97
N ASN A 216 -0.74 5.77 32.46
CA ASN A 216 -0.98 4.55 33.22
C ASN A 216 -0.04 3.42 32.85
N VAL A 217 1.14 3.47 33.47
CA VAL A 217 2.14 2.43 33.32
C VAL A 217 1.54 1.03 33.44
N GLY A 218 0.94 0.75 34.59
CA GLY A 218 0.40 -0.58 34.89
C GLY A 218 -0.28 -1.32 33.75
N HIS A 219 -1.26 -0.68 33.12
CA HIS A 219 -1.95 -1.27 31.98
C HIS A 219 -0.96 -1.73 30.91
N ILE A 220 -0.03 -0.85 30.56
CA ILE A 220 0.96 -1.13 29.54
C ILE A 220 1.85 -2.30 29.92
N GLU A 221 2.38 -2.26 31.14
CA GLU A 221 3.26 -3.32 31.61
C GLU A 221 2.52 -4.66 31.60
N LYS A 222 1.22 -4.62 31.86
CA LYS A 222 0.40 -5.81 31.72
C LYS A 222 0.38 -6.26 30.26
N MET A 223 0.23 -5.31 29.34
CA MET A 223 0.32 -5.61 27.91
C MET A 223 1.66 -6.26 27.58
N GLN A 224 2.74 -5.61 28.00
CA GLN A 224 4.08 -6.14 27.85
C GLN A 224 4.17 -7.58 28.31
N GLU A 225 3.72 -7.83 29.52
CA GLU A 225 3.81 -9.15 30.13
C GLU A 225 3.18 -10.24 29.26
N GLY A 226 2.02 -9.93 28.66
CA GLY A 226 1.30 -10.89 27.85
C GLY A 226 2.00 -11.18 26.53
N ILE A 227 2.59 -10.15 25.94
CA ILE A 227 3.29 -10.29 24.66
C ILE A 227 4.58 -11.08 24.83
N VAL A 228 5.35 -10.71 25.86
CA VAL A 228 6.56 -11.43 26.23
C VAL A 228 6.26 -12.89 26.56
N HIS A 229 5.12 -13.11 27.20
CA HIS A 229 4.70 -14.46 27.55
C HIS A 229 4.42 -15.32 26.31
N VAL A 230 3.75 -14.77 25.31
CA VAL A 230 3.54 -15.52 24.07
C VAL A 230 4.79 -15.55 23.18
N LEU A 231 5.65 -14.55 23.33
CA LEU A 231 6.91 -14.53 22.62
C LEU A 231 7.76 -15.72 23.05
N ARG A 232 7.92 -15.85 24.37
CA ARG A 232 8.79 -16.87 24.93
C ARG A 232 8.29 -18.27 24.55
N LEU A 233 6.98 -18.47 24.63
CA LEU A 233 6.38 -19.73 24.21
C LEU A 233 6.63 -19.99 22.74
N HIS A 234 6.56 -18.93 21.94
CA HIS A 234 6.76 -19.01 20.51
C HIS A 234 8.21 -19.37 20.18
N LEU A 235 9.16 -18.68 20.81
CA LEU A 235 10.57 -18.98 20.63
C LEU A 235 10.88 -20.44 20.94
N GLN A 236 10.24 -20.98 21.97
CA GLN A 236 10.49 -22.36 22.40
C GLN A 236 9.91 -23.42 21.46
N SER A 237 8.79 -23.12 20.82
CA SER A 237 8.26 -24.01 19.80
C SER A 237 9.05 -23.85 18.50
N ASN A 238 9.31 -22.60 18.14
CA ASN A 238 9.89 -22.24 16.85
C ASN A 238 11.38 -22.52 16.77
N HIS A 239 12.10 -22.28 17.87
CA HIS A 239 13.55 -22.47 17.92
C HIS A 239 13.93 -23.29 19.15
N PRO A 240 13.49 -24.56 19.18
CA PRO A 240 13.64 -25.46 20.33
C PRO A 240 15.09 -25.67 20.71
N ASP A 241 15.99 -25.60 19.74
CA ASP A 241 17.42 -25.81 20.02
C ASP A 241 18.06 -24.58 20.67
N ASP A 242 17.68 -23.39 20.25
CA ASP A 242 18.23 -22.16 20.82
C ASP A 242 17.60 -21.83 22.17
N ILE A 243 18.07 -22.54 23.18
CA ILE A 243 17.55 -22.48 24.55
C ILE A 243 17.45 -21.08 25.16
N PHE A 244 18.46 -20.24 24.93
CA PHE A 244 18.44 -18.90 25.50
C PHE A 244 18.15 -17.83 24.46
N LEU A 245 17.49 -18.21 23.38
CA LEU A 245 17.13 -17.23 22.36
C LEU A 245 16.38 -16.05 22.96
N PHE A 246 15.50 -16.33 23.93
CA PHE A 246 14.72 -15.26 24.53
C PHE A 246 15.55 -14.23 25.32
N PRO A 247 16.39 -14.71 26.25
CA PRO A 247 17.30 -13.75 26.89
C PRO A 247 18.12 -12.97 25.84
N LYS A 248 18.61 -13.67 24.81
CA LYS A 248 19.36 -13.02 23.73
C LYS A 248 18.54 -11.87 23.16
N LEU A 249 17.25 -12.12 22.98
CA LEU A 249 16.36 -11.11 22.43
C LEU A 249 16.21 -9.93 23.39
N LEU A 250 16.09 -10.24 24.69
CA LEU A 250 16.03 -9.18 25.68
C LEU A 250 17.25 -8.25 25.57
N GLN A 251 18.43 -8.82 25.42
CA GLN A 251 19.63 -7.99 25.26
C GLN A 251 19.62 -7.17 23.97
N LYS A 252 19.15 -7.78 22.89
CA LYS A 252 18.93 -7.03 21.66
C LYS A 252 18.10 -5.78 21.92
N MET A 253 17.06 -5.91 22.75
CA MET A 253 16.17 -4.80 23.06
C MET A 253 16.91 -3.68 23.76
N ALA A 254 17.71 -4.04 24.74
CA ALA A 254 18.59 -3.08 25.39
C ALA A 254 19.53 -2.42 24.35
N ASP A 255 20.15 -3.24 23.50
CA ASP A 255 21.09 -2.75 22.47
C ASP A 255 20.42 -1.75 21.56
N LEU A 256 19.19 -2.07 21.14
CA LEU A 256 18.41 -1.18 20.30
C LEU A 256 18.13 0.15 20.98
N ARG A 257 17.86 0.12 22.28
CA ARG A 257 17.63 1.38 22.98
C ARG A 257 18.85 2.27 22.85
N GLN A 258 20.01 1.74 23.23
CA GLN A 258 21.27 2.45 23.08
C GLN A 258 21.51 2.93 21.64
N LEU A 259 21.20 2.07 20.68
CA LEU A 259 21.41 2.43 19.28
C LEU A 259 20.55 3.63 18.93
N VAL A 260 19.29 3.60 19.33
CA VAL A 260 18.37 4.67 18.97
C VAL A 260 18.78 5.96 19.66
N THR A 261 19.23 5.89 20.90
CA THR A 261 19.62 7.12 21.59
C THR A 261 20.80 7.77 20.85
N GLU A 262 21.75 6.94 20.41
CA GLU A 262 22.91 7.43 19.69
C GLU A 262 22.51 8.06 18.35
N HIS A 263 21.67 7.35 17.60
CA HIS A 263 21.16 7.82 16.33
C HIS A 263 20.44 9.15 16.48
N ALA A 264 19.62 9.25 17.53
CA ALA A 264 18.88 10.48 17.83
C ALA A 264 19.83 11.67 17.96
N GLN A 265 20.98 11.43 18.59
CA GLN A 265 21.96 12.49 18.80
C GLN A 265 22.77 12.83 17.55
N LEU A 266 22.96 11.85 16.68
CA LEU A 266 23.64 12.14 15.43
C LEU A 266 22.73 13.01 14.56
N VAL A 267 21.48 12.56 14.41
CA VAL A 267 20.48 13.29 13.64
C VAL A 267 20.33 14.73 14.13
N GLN A 268 20.51 14.96 15.43
CA GLN A 268 20.45 16.31 15.98
C GLN A 268 21.64 17.14 15.51
N ILE A 269 22.83 16.57 15.65
CA ILE A 269 24.04 17.19 15.12
C ILE A 269 23.79 17.69 13.70
N ILE A 270 23.36 16.77 12.85
CA ILE A 270 23.12 17.06 11.45
C ILE A 270 22.04 18.10 11.25
N LYS A 271 21.03 18.07 12.12
CA LYS A 271 19.95 19.06 12.10
C LYS A 271 20.49 20.45 12.44
N LYS A 272 21.53 20.48 13.27
CA LYS A 272 22.17 21.73 13.66
C LYS A 272 23.10 22.26 12.57
N THR A 273 24.09 21.45 12.21
CA THR A 273 25.17 21.90 11.34
C THR A 273 25.05 21.42 9.90
N GLU A 274 23.84 21.46 9.34
CA GLU A 274 23.64 21.04 7.95
C GLU A 274 22.42 21.73 7.36
N SER A 275 22.68 22.79 6.61
CA SER A 275 21.61 23.66 6.13
C SER A 275 20.59 22.93 5.26
N ASP A 276 21.06 22.15 4.29
CA ASP A 276 20.18 21.52 3.31
C ASP A 276 19.53 20.23 3.80
N ALA A 277 19.82 19.84 5.05
CA ALA A 277 19.30 18.60 5.62
C ALA A 277 17.93 18.78 6.27
N ALA A 278 16.90 18.90 5.43
CA ALA A 278 15.55 19.11 5.91
C ALA A 278 14.97 17.82 6.50
N LEU A 279 14.21 17.95 7.59
CA LEU A 279 13.58 16.78 8.20
C LEU A 279 12.07 16.79 8.05
N HIS A 280 11.54 15.75 7.39
CA HIS A 280 10.09 15.58 7.23
C HIS A 280 9.39 15.76 8.58
N PRO A 281 8.31 16.57 8.59
CA PRO A 281 7.58 16.99 9.79
C PRO A 281 7.20 15.84 10.74
N LEU A 282 6.74 14.71 10.21
CA LEU A 282 6.37 13.57 11.04
C LEU A 282 7.57 13.11 11.84
N LEU A 283 8.75 13.13 11.21
CA LEU A 283 9.99 12.73 11.86
C LEU A 283 10.52 13.89 12.71
N GLN A 284 10.10 15.09 12.36
CA GLN A 284 10.49 16.26 13.13
C GLN A 284 9.96 16.15 14.55
N GLU A 285 8.70 15.73 14.68
CA GLU A 285 8.06 15.63 15.99
C GLU A 285 8.47 14.37 16.76
N ILE A 286 9.03 13.39 16.06
CA ILE A 286 9.51 12.16 16.69
C ILE A 286 10.84 12.38 17.41
N TYR A 287 11.81 12.95 16.70
CA TYR A 287 13.10 13.27 17.30
C TYR A 287 12.98 14.39 18.32
N ARG A 288 12.10 15.35 18.00
CA ARG A 288 11.84 16.51 18.84
C ARG A 288 11.74 16.18 20.33
N ASP A 289 12.87 16.29 21.03
CA ASP A 289 12.94 16.06 22.48
C ASP A 289 12.86 14.59 22.89
N MET A 290 13.59 13.74 22.16
CA MET A 290 13.59 12.30 22.48
C MET A 290 14.73 11.92 23.41
N TYR A 291 15.96 11.94 22.88
CA TYR A 291 17.16 11.67 23.67
C TYR A 291 18.17 12.81 23.47
N GLU B 22 -16.15 -26.22 3.13
CA GLU B 22 -16.79 -26.25 4.44
C GLU B 22 -16.94 -24.84 5.00
N THR B 23 -17.35 -24.75 6.26
CA THR B 23 -17.57 -23.46 6.92
C THR B 23 -16.24 -22.85 7.38
N ALA B 24 -15.14 -23.52 7.06
CA ALA B 24 -13.81 -23.01 7.39
C ALA B 24 -13.22 -22.22 6.22
N ASP B 25 -13.11 -22.88 5.06
CA ASP B 25 -12.55 -22.27 3.86
C ASP B 25 -13.22 -20.95 3.54
N LEU B 26 -14.51 -20.86 3.86
CA LEU B 26 -15.35 -19.77 3.39
C LEU B 26 -15.29 -18.49 4.25
N LYS B 27 -15.20 -18.64 5.56
CA LYS B 27 -15.11 -17.48 6.44
C LYS B 27 -13.73 -16.85 6.27
N SER B 28 -12.75 -17.69 5.94
CA SER B 28 -11.40 -17.21 5.66
C SER B 28 -11.35 -16.57 4.27
N LEU B 29 -12.19 -17.06 3.36
CA LEU B 29 -12.19 -16.59 1.97
C LEU B 29 -12.50 -15.09 1.92
N ALA B 30 -13.68 -14.74 2.39
CA ALA B 30 -14.06 -13.35 2.55
C ALA B 30 -12.92 -12.57 3.19
N LYS B 31 -12.26 -13.18 4.16
CA LYS B 31 -11.17 -12.53 4.89
C LYS B 31 -9.98 -12.20 3.96
N ARG B 32 -9.45 -13.23 3.31
CA ARG B 32 -8.31 -13.04 2.42
C ARG B 32 -8.64 -12.04 1.33
N ILE B 33 -9.90 -12.02 0.90
CA ILE B 33 -10.31 -11.14 -0.18
C ILE B 33 -10.53 -9.71 0.29
N TYR B 34 -11.08 -9.54 1.48
CA TYR B 34 -11.27 -8.21 2.03
C TYR B 34 -9.89 -7.63 2.37
N GLU B 35 -9.02 -8.49 2.90
CA GLU B 35 -7.64 -8.12 3.21
C GLU B 35 -6.85 -7.70 1.97
N ALA B 36 -6.93 -8.50 0.92
CA ALA B 36 -6.24 -8.22 -0.34
C ALA B 36 -6.72 -6.91 -0.93
N TYR B 37 -7.99 -6.61 -0.70
CA TYR B 37 -8.60 -5.41 -1.25
C TYR B 37 -8.10 -4.18 -0.50
N LEU B 38 -8.05 -4.30 0.83
CA LEU B 38 -7.53 -3.24 1.68
C LEU B 38 -6.04 -3.01 1.41
N LYS B 39 -5.32 -4.10 1.20
CA LYS B 39 -3.89 -4.04 0.94
C LYS B 39 -3.62 -3.29 -0.36
N ASN B 40 -4.38 -3.61 -1.40
CA ASN B 40 -4.00 -3.18 -2.74
C ASN B 40 -4.68 -1.93 -3.28
N PHE B 41 -5.68 -1.39 -2.59
CA PHE B 41 -6.32 -0.19 -3.12
C PHE B 41 -6.23 0.97 -2.14
N ASN B 42 -5.49 2.00 -2.53
CA ASN B 42 -5.16 3.09 -1.62
C ASN B 42 -6.37 3.95 -1.27
N MET B 43 -7.24 4.15 -2.24
CA MET B 43 -8.53 4.79 -2.02
C MET B 43 -9.64 3.74 -1.95
N ASN B 44 -10.65 3.99 -1.13
CA ASN B 44 -11.79 3.07 -0.96
C ASN B 44 -13.02 3.80 -0.42
N LYS B 45 -14.14 3.10 -0.26
CA LYS B 45 -15.40 3.77 0.07
C LYS B 45 -15.35 4.44 1.44
N VAL B 46 -14.83 3.74 2.44
CA VAL B 46 -14.77 4.33 3.77
C VAL B 46 -13.93 5.61 3.78
N LYS B 47 -12.70 5.53 3.28
CA LYS B 47 -11.82 6.70 3.19
C LYS B 47 -12.41 7.80 2.31
N ALA B 48 -13.10 7.42 1.24
CA ALA B 48 -13.61 8.41 0.30
C ALA B 48 -14.82 9.15 0.85
N ARG B 49 -15.73 8.40 1.48
CA ARG B 49 -16.90 8.98 2.13
C ARG B 49 -16.56 9.98 3.24
N VAL B 50 -15.50 9.75 4.00
CA VAL B 50 -15.10 10.71 5.04
C VAL B 50 -14.65 12.04 4.44
N ILE B 51 -14.13 12.00 3.21
CA ILE B 51 -13.76 13.20 2.48
C ILE B 51 -14.98 13.82 1.83
N LEU B 52 -15.74 12.99 1.12
CA LEU B 52 -16.93 13.46 0.43
C LEU B 52 -17.92 14.10 1.38
N SER B 53 -18.11 13.50 2.55
CA SER B 53 -18.97 14.11 3.56
C SER B 53 -18.25 15.30 4.21
N GLY B 54 -17.26 15.00 5.03
CA GLY B 54 -16.50 16.04 5.70
C GLY B 54 -16.64 15.99 7.22
N LYS B 55 -17.23 14.93 7.73
CA LYS B 55 -17.38 14.75 9.17
C LYS B 55 -16.01 14.80 9.83
N ALA B 56 -15.00 14.45 9.04
CA ALA B 56 -13.60 14.59 9.44
C ALA B 56 -12.94 15.63 8.55
N SER B 57 -12.37 16.66 9.18
CA SER B 57 -11.66 17.73 8.48
C SER B 57 -12.54 18.84 7.90
N ASN B 58 -12.13 20.09 8.14
CA ASN B 58 -12.82 21.24 7.59
C ASN B 58 -12.10 21.76 6.34
N ASN B 59 -11.07 21.02 5.91
CA ASN B 59 -10.29 21.35 4.73
C ASN B 59 -10.60 20.42 3.57
N PRO B 60 -11.52 20.84 2.69
CA PRO B 60 -12.05 19.99 1.62
C PRO B 60 -11.08 19.92 0.46
N PRO B 61 -11.34 19.03 -0.51
CA PRO B 61 -10.46 18.92 -1.69
C PRO B 61 -10.57 20.14 -2.59
N PHE B 62 -9.48 20.49 -3.27
CA PHE B 62 -9.50 21.53 -4.29
C PHE B 62 -10.53 21.19 -5.36
N VAL B 63 -11.36 22.15 -5.72
CA VAL B 63 -12.43 21.89 -6.68
C VAL B 63 -12.07 22.35 -8.08
N ILE B 64 -12.22 21.45 -9.04
CA ILE B 64 -11.96 21.77 -10.43
C ILE B 64 -13.28 21.79 -11.17
N HIS B 65 -13.70 22.98 -11.59
CA HIS B 65 -15.05 23.16 -12.12
C HIS B 65 -15.03 23.94 -13.42
N ASP B 66 -13.87 24.50 -13.76
CA ASP B 66 -13.71 25.20 -15.03
C ASP B 66 -12.27 25.08 -15.51
N MET B 67 -11.97 25.78 -16.60
CA MET B 67 -10.63 25.69 -17.17
C MET B 67 -9.60 26.35 -16.27
N GLU B 68 -10.00 27.42 -15.62
CA GLU B 68 -9.08 28.14 -14.75
C GLU B 68 -8.60 27.28 -13.59
N THR B 69 -9.56 26.75 -12.82
CA THR B 69 -9.26 25.91 -11.68
C THR B 69 -8.50 24.67 -12.13
N LEU B 70 -8.86 24.17 -13.31
CA LEU B 70 -8.12 23.08 -13.91
C LEU B 70 -6.66 23.49 -13.98
N CYS B 71 -6.40 24.63 -14.60
CA CYS B 71 -5.03 25.08 -14.76
C CYS B 71 -4.30 25.22 -13.43
N MET B 72 -4.94 25.86 -12.46
CA MET B 72 -4.32 25.97 -11.14
C MET B 72 -3.79 24.62 -10.67
N ALA B 73 -4.62 23.58 -10.75
CA ALA B 73 -4.20 22.25 -10.35
C ALA B 73 -2.97 21.79 -11.14
N GLU B 74 -3.06 21.85 -12.46
CA GLU B 74 -1.95 21.45 -13.32
C GLU B 74 -0.65 22.10 -12.87
N LYS B 75 -0.77 23.26 -12.23
CA LYS B 75 0.39 23.99 -11.76
C LYS B 75 1.27 23.11 -10.88
N THR B 76 0.68 22.52 -9.85
CA THR B 76 1.43 21.71 -8.90
C THR B 76 1.90 20.41 -9.54
N LEU B 77 1.16 19.94 -10.54
CA LEU B 77 1.43 18.64 -11.15
C LEU B 77 2.38 18.70 -12.35
N VAL B 78 2.80 19.90 -12.74
CA VAL B 78 3.59 20.08 -13.96
C VAL B 78 4.83 19.21 -14.01
N ALA B 79 5.45 19.00 -12.85
CA ALA B 79 6.64 18.16 -12.76
C ALA B 79 6.31 16.73 -13.14
N LYS B 80 5.45 16.10 -12.33
CA LYS B 80 5.01 14.73 -12.56
C LYS B 80 4.60 14.47 -14.02
N LEU B 81 4.02 15.49 -14.66
CA LEU B 81 3.58 15.37 -16.05
C LEU B 81 4.71 15.31 -17.07
N VAL B 82 5.85 15.91 -16.75
CA VAL B 82 7.01 15.91 -17.64
C VAL B 82 7.65 14.54 -17.73
N ALA B 83 7.75 13.88 -16.57
CA ALA B 83 8.28 12.52 -16.49
C ALA B 83 7.19 11.49 -16.71
N ASN B 84 5.98 11.97 -17.02
CA ASN B 84 4.89 11.11 -17.47
C ASN B 84 4.80 11.18 -18.99
N GLY B 85 5.36 12.24 -19.56
CA GLY B 85 5.32 12.45 -20.99
C GLY B 85 4.21 13.40 -21.39
N ILE B 86 3.16 13.40 -20.58
CA ILE B 86 2.00 14.27 -20.79
C ILE B 86 2.41 15.74 -20.80
N GLN B 87 2.52 16.29 -22.01
CA GLN B 87 2.96 17.67 -22.19
C GLN B 87 2.04 18.34 -23.19
N ASN B 88 0.91 17.68 -23.46
CA ASN B 88 -0.06 18.13 -24.45
C ASN B 88 -0.54 19.55 -24.18
N LYS B 89 -1.15 20.17 -25.17
CA LYS B 89 -1.55 21.56 -25.04
C LYS B 89 -3.05 21.77 -24.89
N GLU B 90 -3.84 20.99 -25.60
CA GLU B 90 -5.29 21.08 -25.39
C GLU B 90 -5.73 20.40 -24.07
N ALA B 91 -6.65 21.02 -23.35
CA ALA B 91 -7.07 20.54 -22.01
C ALA B 91 -7.64 19.12 -22.03
N GLU B 92 -8.70 18.93 -22.81
CA GLU B 92 -9.33 17.63 -23.00
C GLU B 92 -8.31 16.51 -23.15
N VAL B 93 -7.30 16.74 -23.98
CA VAL B 93 -6.32 15.70 -24.26
C VAL B 93 -5.41 15.49 -23.05
N ARG B 94 -5.21 16.55 -22.28
CA ARG B 94 -4.35 16.49 -21.11
C ARG B 94 -5.05 15.72 -19.99
N ILE B 95 -6.32 16.05 -19.76
CA ILE B 95 -7.16 15.30 -18.82
C ILE B 95 -7.21 13.83 -19.23
N PHE B 96 -7.47 13.61 -20.50
CA PHE B 96 -7.57 12.29 -21.06
C PHE B 96 -6.34 11.45 -20.72
N HIS B 97 -5.17 12.06 -20.79
CA HIS B 97 -3.95 11.32 -20.51
C HIS B 97 -3.79 11.13 -19.02
N CYS B 98 -4.26 12.09 -18.25
CA CYS B 98 -4.24 11.97 -16.79
C CYS B 98 -5.12 10.81 -16.32
N CYS B 99 -6.32 10.73 -16.88
CA CYS B 99 -7.19 9.60 -16.59
C CYS B 99 -6.53 8.25 -16.85
N GLN B 100 -5.79 8.15 -17.96
CA GLN B 100 -5.05 6.92 -18.29
C GLN B 100 -4.03 6.60 -17.20
N CYS B 101 -3.49 7.64 -16.58
CA CYS B 101 -2.53 7.46 -15.50
C CYS B 101 -3.14 6.63 -14.40
N THR B 102 -4.25 7.14 -13.86
CA THR B 102 -5.02 6.47 -12.83
C THR B 102 -5.46 5.06 -13.22
N SER B 103 -6.01 4.92 -14.43
CA SER B 103 -6.40 3.60 -14.92
C SER B 103 -5.25 2.61 -14.88
N VAL B 104 -4.07 3.05 -15.36
CA VAL B 104 -2.89 2.21 -15.39
C VAL B 104 -2.54 1.81 -13.97
N GLU B 105 -2.57 2.79 -13.08
CA GLU B 105 -2.39 2.50 -11.66
C GLU B 105 -3.42 1.47 -11.16
N THR B 106 -4.71 1.71 -11.44
CA THR B 106 -5.75 0.81 -10.93
C THR B 106 -5.64 -0.59 -11.51
N VAL B 107 -5.31 -0.68 -12.80
CA VAL B 107 -5.18 -1.98 -13.45
C VAL B 107 -4.08 -2.76 -12.78
N THR B 108 -3.04 -2.06 -12.38
CA THR B 108 -1.89 -2.69 -11.73
C THR B 108 -2.27 -3.17 -10.34
N GLU B 109 -3.00 -2.32 -9.61
CA GLU B 109 -3.59 -2.73 -8.33
C GLU B 109 -4.51 -3.96 -8.50
N LEU B 110 -5.37 -3.92 -9.50
CA LEU B 110 -6.25 -5.06 -9.77
C LEU B 110 -5.47 -6.34 -10.04
N THR B 111 -4.34 -6.19 -10.72
CA THR B 111 -3.48 -7.33 -11.04
C THR B 111 -2.91 -7.96 -9.77
N GLU B 112 -2.47 -7.12 -8.84
CA GLU B 112 -1.99 -7.61 -7.54
C GLU B 112 -3.12 -8.20 -6.68
N PHE B 113 -4.26 -7.52 -6.67
CA PHE B 113 -5.42 -7.99 -5.90
C PHE B 113 -5.80 -9.39 -6.37
N ALA B 114 -5.92 -9.53 -7.69
CA ALA B 114 -6.28 -10.81 -8.31
C ALA B 114 -5.31 -11.93 -7.97
N LYS B 115 -4.02 -11.61 -7.95
CA LYS B 115 -3.01 -12.63 -7.61
C LYS B 115 -3.24 -13.11 -6.18
N ALA B 116 -3.77 -12.23 -5.35
CA ALA B 116 -4.04 -12.54 -3.96
C ALA B 116 -5.32 -13.39 -3.80
N ILE B 117 -6.12 -13.49 -4.86
CA ILE B 117 -7.31 -14.34 -4.81
C ILE B 117 -6.94 -15.81 -4.92
N PRO B 118 -7.38 -16.59 -3.93
CA PRO B 118 -7.12 -18.03 -3.80
C PRO B 118 -7.50 -18.81 -5.05
N GLY B 119 -6.47 -19.38 -5.70
CA GLY B 119 -6.67 -20.20 -6.88
C GLY B 119 -6.22 -19.50 -8.16
N PHE B 120 -6.20 -18.17 -8.11
CA PHE B 120 -5.98 -17.39 -9.31
C PHE B 120 -4.58 -17.57 -9.90
N ALA B 121 -3.56 -17.44 -9.05
CA ALA B 121 -2.17 -17.63 -9.48
C ALA B 121 -1.93 -19.02 -10.06
N ASN B 122 -2.73 -19.99 -9.62
CA ASN B 122 -2.64 -21.36 -10.13
C ASN B 122 -3.24 -21.51 -11.52
N LEU B 123 -4.03 -20.54 -11.94
CA LEU B 123 -4.66 -20.61 -13.25
C LEU B 123 -3.62 -20.53 -14.34
N ASP B 124 -3.96 -21.07 -15.51
CA ASP B 124 -3.09 -20.94 -16.68
C ASP B 124 -2.89 -19.45 -16.93
N LEU B 125 -1.64 -19.07 -17.14
CA LEU B 125 -1.27 -17.67 -17.29
C LEU B 125 -2.08 -16.97 -18.37
N ASN B 126 -2.49 -17.73 -19.38
CA ASN B 126 -3.30 -17.21 -20.46
C ASN B 126 -4.70 -16.89 -19.95
N ASP B 127 -5.16 -17.69 -19.00
CA ASP B 127 -6.46 -17.45 -18.38
C ASP B 127 -6.44 -16.27 -17.40
N GLN B 128 -5.36 -16.15 -16.65
CA GLN B 128 -5.15 -14.95 -15.85
C GLN B 128 -5.29 -13.68 -16.68
N VAL B 129 -4.65 -13.61 -17.85
CA VAL B 129 -4.74 -12.37 -18.63
C VAL B 129 -6.11 -12.14 -19.28
N THR B 130 -6.77 -13.20 -19.73
CA THR B 130 -8.13 -13.02 -20.26
C THR B 130 -9.06 -12.52 -19.15
N LEU B 131 -8.99 -13.17 -17.98
CA LEU B 131 -9.75 -12.76 -16.80
C LEU B 131 -9.52 -11.27 -16.56
N LEU B 132 -8.25 -10.87 -16.55
CA LEU B 132 -7.94 -9.48 -16.30
C LEU B 132 -8.31 -8.57 -17.46
N LYS B 133 -8.14 -9.04 -18.69
CA LYS B 133 -8.42 -8.20 -19.86
C LYS B 133 -9.88 -7.73 -19.89
N TYR B 134 -10.81 -8.67 -19.65
CA TYR B 134 -12.23 -8.36 -19.64
C TYR B 134 -12.74 -7.80 -18.31
N GLY B 135 -12.13 -8.23 -17.21
CA GLY B 135 -12.52 -7.82 -15.87
C GLY B 135 -12.11 -6.44 -15.39
N VAL B 136 -10.87 -6.02 -15.64
CA VAL B 136 -10.34 -4.81 -14.99
C VAL B 136 -11.24 -3.59 -15.12
N TYR B 137 -11.83 -3.39 -16.28
CA TYR B 137 -12.67 -2.23 -16.46
C TYR B 137 -14.05 -2.32 -15.82
N GLU B 138 -14.58 -3.52 -15.64
CA GLU B 138 -15.84 -3.70 -14.88
C GLU B 138 -15.58 -3.41 -13.40
N ALA B 139 -14.50 -3.98 -12.88
CA ALA B 139 -14.04 -3.71 -11.52
C ALA B 139 -13.78 -2.23 -11.30
N ILE B 140 -13.10 -1.60 -12.26
CA ILE B 140 -12.75 -0.21 -12.15
C ILE B 140 -14.00 0.65 -12.09
N PHE B 141 -14.96 0.37 -12.96
CA PHE B 141 -16.18 1.16 -12.97
C PHE B 141 -17.00 0.96 -11.68
N ALA B 142 -16.89 -0.22 -11.09
CA ALA B 142 -17.58 -0.51 -9.82
C ALA B 142 -17.00 0.33 -8.68
N MET B 143 -15.69 0.22 -8.49
CA MET B 143 -14.97 0.98 -7.48
C MET B 143 -15.03 2.50 -7.68
N LEU B 144 -15.09 2.92 -8.93
CA LEU B 144 -15.17 4.34 -9.27
C LEU B 144 -16.33 5.00 -8.53
N SER B 145 -17.42 4.26 -8.42
CA SER B 145 -18.62 4.71 -7.73
C SER B 145 -18.33 5.24 -6.32
N SER B 146 -17.51 4.51 -5.56
CA SER B 146 -17.05 4.96 -4.24
C SER B 146 -16.56 6.41 -4.19
N VAL B 147 -16.05 6.94 -5.29
CA VAL B 147 -15.52 8.30 -5.25
C VAL B 147 -16.39 9.29 -6.00
N MET B 148 -17.55 8.84 -6.46
CA MET B 148 -18.51 9.72 -7.12
C MET B 148 -19.70 10.08 -6.25
N ASN B 149 -20.24 11.27 -6.49
CA ASN B 149 -21.59 11.63 -6.09
C ASN B 149 -22.25 12.32 -7.29
N LYS B 150 -23.49 12.76 -7.13
CA LYS B 150 -24.25 13.30 -8.25
C LYS B 150 -23.59 14.52 -8.91
N ASP B 151 -22.63 15.13 -8.22
CA ASP B 151 -22.04 16.39 -8.68
C ASP B 151 -20.62 16.30 -9.27
N GLY B 152 -19.89 15.24 -8.95
CA GLY B 152 -18.51 15.13 -9.37
C GLY B 152 -17.84 13.91 -8.76
N MET B 153 -16.51 13.94 -8.71
CA MET B 153 -15.75 12.80 -8.16
C MET B 153 -14.38 13.24 -7.65
N LEU B 154 -13.88 12.50 -6.66
CA LEU B 154 -12.53 12.70 -6.12
C LEU B 154 -11.46 12.32 -7.14
N VAL B 155 -10.38 13.09 -7.16
CA VAL B 155 -9.22 12.77 -7.98
C VAL B 155 -7.96 12.99 -7.18
N ALA B 156 -6.83 12.52 -7.69
CA ALA B 156 -5.54 12.78 -7.06
C ALA B 156 -5.55 12.34 -5.59
N TYR B 157 -5.99 11.11 -5.37
CA TYR B 157 -5.98 10.49 -4.07
C TYR B 157 -6.87 11.20 -3.04
N GLY B 158 -7.93 11.84 -3.52
CA GLY B 158 -8.93 12.44 -2.66
C GLY B 158 -8.67 13.88 -2.30
N ASN B 159 -7.59 14.44 -2.85
CA ASN B 159 -7.18 15.82 -2.63
C ASN B 159 -7.87 16.76 -3.60
N GLY B 160 -8.46 16.19 -4.63
CA GLY B 160 -9.18 16.99 -5.59
C GLY B 160 -10.59 16.49 -5.82
N PHE B 161 -11.42 17.38 -6.36
CA PHE B 161 -12.78 17.06 -6.74
C PHE B 161 -13.06 17.75 -8.07
N ILE B 162 -13.36 16.95 -9.08
CA ILE B 162 -13.69 17.49 -10.39
C ILE B 162 -15.18 17.31 -10.65
N THR B 163 -15.82 18.35 -11.16
CA THR B 163 -17.27 18.36 -11.28
C THR B 163 -17.81 17.65 -12.51
N ARG B 164 -18.93 16.96 -12.31
CA ARG B 164 -19.66 16.30 -13.36
C ARG B 164 -20.00 17.28 -14.47
N GLU B 165 -20.35 18.49 -14.09
CA GLU B 165 -20.78 19.49 -15.06
C GLU B 165 -19.63 19.98 -15.93
N PHE B 166 -18.45 20.11 -15.33
CA PHE B 166 -17.28 20.53 -16.09
C PHE B 166 -16.94 19.47 -17.12
N LEU B 167 -17.08 18.21 -16.73
CA LEU B 167 -16.84 17.12 -17.65
C LEU B 167 -17.84 17.19 -18.79
N LYS B 168 -19.10 17.43 -18.45
CA LYS B 168 -20.16 17.54 -19.44
C LYS B 168 -19.83 18.56 -20.52
N SER B 169 -19.02 19.56 -20.14
CA SER B 169 -18.80 20.72 -20.96
C SER B 169 -17.59 20.58 -21.88
N LEU B 170 -16.76 19.58 -21.62
CA LEU B 170 -15.59 19.36 -22.46
C LEU B 170 -15.99 19.24 -23.93
N ARG B 171 -14.99 19.35 -24.80
CA ARG B 171 -15.18 19.19 -26.23
C ARG B 171 -15.93 17.91 -26.55
N LYS B 172 -16.72 17.96 -27.63
CA LYS B 172 -17.70 16.92 -27.94
C LYS B 172 -17.28 15.48 -27.65
N PRO B 173 -16.14 15.02 -28.20
CA PRO B 173 -15.79 13.61 -27.97
C PRO B 173 -15.60 13.33 -26.47
N PHE B 174 -14.75 14.14 -25.84
CA PHE B 174 -14.33 13.90 -24.47
C PHE B 174 -15.40 14.05 -23.39
N CYS B 175 -16.42 14.86 -23.65
CA CYS B 175 -17.45 15.08 -22.63
C CYS B 175 -18.41 13.90 -22.51
N ASP B 176 -18.18 12.87 -23.32
CA ASP B 176 -19.12 11.76 -23.42
C ASP B 176 -18.60 10.50 -22.75
N ILE B 177 -17.42 10.60 -22.14
CA ILE B 177 -16.78 9.44 -21.57
C ILE B 177 -17.24 9.17 -20.14
N MET B 178 -17.14 10.19 -19.29
CA MET B 178 -17.47 10.06 -17.88
C MET B 178 -18.96 9.85 -17.62
N GLU B 179 -19.79 10.69 -18.23
CA GLU B 179 -21.20 10.74 -17.91
C GLU B 179 -21.85 9.38 -17.61
N PRO B 180 -21.66 8.40 -18.50
CA PRO B 180 -22.32 7.08 -18.32
C PRO B 180 -21.86 6.34 -17.08
N LYS B 181 -20.69 6.72 -16.56
CA LYS B 181 -20.13 6.10 -15.37
C LYS B 181 -20.72 6.78 -14.14
N PHE B 182 -20.96 8.08 -14.24
CA PHE B 182 -21.68 8.78 -13.19
C PHE B 182 -23.08 8.20 -13.10
N ASP B 183 -23.66 7.94 -14.26
CA ASP B 183 -25.00 7.40 -14.34
C ASP B 183 -25.08 6.05 -13.64
N PHE B 184 -24.09 5.19 -13.88
CA PHE B 184 -24.08 3.84 -13.29
C PHE B 184 -23.87 3.91 -11.78
N ALA B 185 -22.93 4.76 -11.38
CA ALA B 185 -22.54 4.95 -9.99
C ALA B 185 -23.67 5.50 -9.09
N MET B 186 -24.54 6.33 -9.63
CA MET B 186 -25.64 6.84 -8.83
C MET B 186 -26.56 5.68 -8.43
N LYS B 187 -26.85 4.80 -9.38
CA LYS B 187 -27.74 3.68 -9.10
C LYS B 187 -27.01 2.61 -8.29
N PHE B 188 -25.69 2.56 -8.44
CA PHE B 188 -24.89 1.59 -7.74
C PHE B 188 -24.63 2.03 -6.31
N ASN B 189 -24.45 3.34 -6.14
CA ASN B 189 -24.25 3.89 -4.81
C ASN B 189 -25.52 3.75 -3.96
N ALA B 190 -26.67 3.74 -4.62
CA ALA B 190 -27.94 3.62 -3.89
C ALA B 190 -28.12 2.26 -3.20
N LEU B 191 -27.21 1.31 -3.44
CA LEU B 191 -27.30 0.01 -2.77
C LEU B 191 -26.52 0.00 -1.46
N GLU B 192 -25.85 1.11 -1.16
CA GLU B 192 -25.21 1.31 0.14
C GLU B 192 -24.19 0.24 0.50
N LEU B 193 -23.50 -0.30 -0.50
CA LEU B 193 -22.50 -1.32 -0.25
C LEU B 193 -21.35 -0.78 0.62
N ASP B 194 -20.70 -1.65 1.37
CA ASP B 194 -19.48 -1.25 2.05
C ASP B 194 -18.26 -1.93 1.41
N ASP B 195 -17.07 -1.62 1.92
CA ASP B 195 -15.83 -2.11 1.34
C ASP B 195 -15.74 -3.63 1.34
N SER B 196 -16.37 -4.26 2.32
CA SER B 196 -16.33 -5.71 2.43
C SER B 196 -17.24 -6.38 1.41
N ASP B 197 -18.37 -5.73 1.07
CA ASP B 197 -19.23 -6.22 -0.01
C ASP B 197 -18.51 -6.01 -1.35
N ILE B 198 -18.00 -4.78 -1.53
CA ILE B 198 -17.31 -4.41 -2.77
C ILE B 198 -16.15 -5.35 -3.12
N SER B 199 -15.34 -5.70 -2.14
CA SER B 199 -14.17 -6.53 -2.41
C SER B 199 -14.55 -7.89 -2.96
N LEU B 200 -15.66 -8.44 -2.47
CA LEU B 200 -16.13 -9.74 -2.92
C LEU B 200 -16.73 -9.61 -4.31
N PHE B 201 -17.40 -8.50 -4.54
CA PHE B 201 -18.04 -8.22 -5.82
C PHE B 201 -16.97 -8.11 -6.92
N VAL B 202 -15.94 -7.31 -6.64
CA VAL B 202 -14.80 -7.21 -7.53
C VAL B 202 -14.18 -8.59 -7.76
N ALA B 203 -13.97 -9.34 -6.69
CA ALA B 203 -13.46 -10.70 -6.80
C ALA B 203 -14.29 -11.57 -7.74
N ALA B 204 -15.61 -11.41 -7.70
CA ALA B 204 -16.47 -12.18 -8.60
C ALA B 204 -16.47 -11.63 -10.03
N ILE B 205 -16.36 -10.32 -10.18
CA ILE B 205 -16.19 -9.69 -11.47
C ILE B 205 -15.03 -10.34 -12.22
N ILE B 206 -13.90 -10.45 -11.53
CA ILE B 206 -12.68 -10.95 -12.13
C ILE B 206 -12.73 -12.44 -12.46
N CYS B 207 -13.40 -13.22 -11.63
CA CYS B 207 -13.42 -14.66 -11.85
C CYS B 207 -14.67 -15.14 -12.60
N CYS B 208 -14.91 -14.57 -13.78
CA CYS B 208 -16.04 -14.98 -14.62
C CYS B 208 -15.64 -16.13 -15.51
N GLY B 209 -16.35 -17.25 -15.35
CA GLY B 209 -16.05 -18.46 -16.10
C GLY B 209 -16.39 -18.40 -17.57
N ASP B 210 -17.04 -17.32 -18.01
CA ASP B 210 -17.52 -17.24 -19.38
C ASP B 210 -16.81 -16.19 -20.24
N ARG B 211 -15.65 -15.71 -19.81
CA ARG B 211 -14.90 -14.81 -20.67
C ARG B 211 -14.53 -15.57 -21.95
N PRO B 212 -14.47 -14.84 -23.07
CA PRO B 212 -14.07 -15.40 -24.36
C PRO B 212 -12.65 -15.97 -24.33
N GLY B 213 -12.51 -17.25 -24.70
CA GLY B 213 -11.21 -17.84 -24.93
C GLY B 213 -10.51 -18.31 -23.67
N LEU B 214 -11.30 -18.64 -22.66
CA LEU B 214 -10.73 -19.25 -21.47
C LEU B 214 -10.35 -20.69 -21.80
N LEU B 215 -9.26 -21.16 -21.20
CA LEU B 215 -8.79 -22.51 -21.42
C LEU B 215 -9.52 -23.48 -20.50
N ASN B 216 -9.38 -23.29 -19.19
CA ASN B 216 -10.02 -24.18 -18.21
C ASN B 216 -11.29 -23.62 -17.58
N VAL B 217 -12.31 -23.37 -18.39
CA VAL B 217 -13.52 -22.77 -17.88
C VAL B 217 -14.07 -23.55 -16.70
N GLY B 218 -13.60 -24.79 -16.53
CA GLY B 218 -14.08 -25.65 -15.47
C GLY B 218 -13.54 -25.29 -14.10
N HIS B 219 -12.24 -25.02 -14.02
CA HIS B 219 -11.62 -24.67 -12.75
C HIS B 219 -11.97 -23.23 -12.39
N ILE B 220 -12.25 -22.42 -13.40
CA ILE B 220 -12.55 -21.00 -13.19
C ILE B 220 -13.96 -20.86 -12.65
N GLU B 221 -14.88 -21.62 -13.22
CA GLU B 221 -16.23 -21.74 -12.68
C GLU B 221 -16.22 -22.25 -11.24
N LYS B 222 -15.40 -23.28 -11.01
CA LYS B 222 -15.24 -23.81 -9.66
C LYS B 222 -14.79 -22.71 -8.70
N MET B 223 -13.87 -21.87 -9.15
CA MET B 223 -13.40 -20.74 -8.36
C MET B 223 -14.54 -19.73 -8.17
N GLN B 224 -15.29 -19.50 -9.23
CA GLN B 224 -16.37 -18.52 -9.20
C GLN B 224 -17.49 -18.89 -8.21
N GLU B 225 -17.90 -20.15 -8.23
CA GLU B 225 -18.92 -20.63 -7.29
C GLU B 225 -18.56 -20.28 -5.84
N GLY B 226 -17.34 -20.61 -5.45
CA GLY B 226 -16.87 -20.37 -4.10
C GLY B 226 -17.02 -18.92 -3.66
N ILE B 227 -16.66 -18.02 -4.57
CA ILE B 227 -16.71 -16.59 -4.30
C ILE B 227 -18.15 -16.09 -4.27
N VAL B 228 -18.94 -16.54 -5.23
CA VAL B 228 -20.31 -16.09 -5.33
C VAL B 228 -21.06 -16.59 -4.11
N HIS B 229 -20.67 -17.76 -3.64
CA HIS B 229 -21.27 -18.36 -2.45
C HIS B 229 -21.01 -17.50 -1.21
N VAL B 230 -19.73 -17.18 -0.95
CA VAL B 230 -19.40 -16.28 0.15
C VAL B 230 -20.05 -14.90 0.01
N LEU B 231 -20.22 -14.44 -1.22
CA LEU B 231 -20.84 -13.14 -1.47
C LEU B 231 -22.33 -13.16 -1.13
N ARG B 232 -22.98 -14.26 -1.47
CA ARG B 232 -24.41 -14.38 -1.25
C ARG B 232 -24.68 -14.38 0.25
N LEU B 233 -23.90 -15.20 0.96
CA LEU B 233 -23.94 -15.28 2.41
C LEU B 233 -23.64 -13.96 3.08
N HIS B 234 -22.59 -13.30 2.63
CA HIS B 234 -22.17 -12.05 3.24
C HIS B 234 -23.26 -10.99 3.12
N LEU B 235 -23.96 -11.01 1.99
CA LEU B 235 -25.02 -10.04 1.76
C LEU B 235 -26.21 -10.34 2.68
N GLN B 236 -26.48 -11.63 2.86
CA GLN B 236 -27.55 -12.08 3.74
C GLN B 236 -27.37 -11.53 5.13
N SER B 237 -26.19 -11.77 5.71
CA SER B 237 -25.95 -11.40 7.09
C SER B 237 -25.72 -9.91 7.24
N ASN B 238 -25.13 -9.29 6.22
CA ASN B 238 -24.70 -7.89 6.31
C ASN B 238 -25.78 -6.92 5.85
N HIS B 239 -26.67 -7.38 4.97
CA HIS B 239 -27.76 -6.52 4.49
C HIS B 239 -29.15 -7.19 4.61
N PRO B 240 -29.54 -7.59 5.83
CA PRO B 240 -30.82 -8.22 6.10
C PRO B 240 -31.99 -7.40 5.55
N ASP B 241 -31.85 -6.08 5.63
CA ASP B 241 -32.84 -5.14 5.16
C ASP B 241 -33.16 -5.18 3.65
N ASP B 242 -32.38 -5.94 2.88
CA ASP B 242 -32.43 -5.86 1.42
C ASP B 242 -32.20 -7.27 0.86
N ILE B 243 -33.26 -8.05 0.81
CA ILE B 243 -33.12 -9.49 0.62
C ILE B 243 -32.87 -9.86 -0.83
N PHE B 244 -33.08 -8.91 -1.72
CA PHE B 244 -32.75 -9.13 -3.12
C PHE B 244 -31.48 -8.39 -3.56
N LEU B 245 -30.65 -8.01 -2.59
CA LEU B 245 -29.38 -7.35 -2.87
C LEU B 245 -28.51 -8.19 -3.80
N PHE B 246 -28.35 -9.47 -3.47
CA PHE B 246 -27.58 -10.39 -4.30
C PHE B 246 -28.06 -10.38 -5.76
N PRO B 247 -29.33 -10.71 -6.01
CA PRO B 247 -29.82 -10.66 -7.40
C PRO B 247 -29.59 -9.30 -8.04
N LYS B 248 -29.68 -8.23 -7.26
CA LYS B 248 -29.41 -6.89 -7.78
C LYS B 248 -27.96 -6.76 -8.25
N LEU B 249 -27.04 -7.34 -7.47
CA LEU B 249 -25.64 -7.32 -7.79
C LEU B 249 -25.32 -8.09 -9.06
N LEU B 250 -25.88 -9.28 -9.19
CA LEU B 250 -25.67 -10.07 -10.40
C LEU B 250 -26.14 -9.26 -11.60
N GLN B 251 -27.10 -8.37 -11.38
CA GLN B 251 -27.64 -7.59 -12.47
C GLN B 251 -26.71 -6.43 -12.76
N LYS B 252 -26.00 -5.98 -11.72
CA LYS B 252 -25.04 -4.91 -11.88
C LYS B 252 -23.83 -5.39 -12.69
N MET B 253 -23.51 -6.68 -12.55
CA MET B 253 -22.38 -7.26 -13.25
C MET B 253 -22.67 -7.31 -14.74
N ALA B 254 -23.90 -7.64 -15.09
CA ALA B 254 -24.30 -7.63 -16.48
C ALA B 254 -24.27 -6.22 -17.04
N ASP B 255 -24.79 -5.27 -16.26
CA ASP B 255 -24.76 -3.84 -16.62
C ASP B 255 -23.34 -3.35 -16.85
N LEU B 256 -22.40 -3.81 -16.04
CA LEU B 256 -21.02 -3.36 -16.11
C LEU B 256 -20.38 -3.87 -17.39
N ARG B 257 -20.72 -5.09 -17.77
CA ARG B 257 -20.21 -5.70 -18.98
C ARG B 257 -20.65 -4.92 -20.21
N GLN B 258 -21.89 -4.48 -20.21
CA GLN B 258 -22.39 -3.68 -21.31
C GLN B 258 -21.75 -2.29 -21.27
N LEU B 259 -21.53 -1.76 -20.08
CA LEU B 259 -20.99 -0.41 -19.94
C LEU B 259 -19.55 -0.33 -20.46
N VAL B 260 -18.83 -1.44 -20.28
CA VAL B 260 -17.45 -1.53 -20.69
C VAL B 260 -17.38 -1.74 -22.19
N THR B 261 -18.31 -2.52 -22.72
CA THR B 261 -18.42 -2.76 -24.15
C THR B 261 -18.51 -1.42 -24.86
N GLU B 262 -19.35 -0.56 -24.29
CA GLU B 262 -19.63 0.73 -24.87
C GLU B 262 -18.43 1.66 -24.68
N HIS B 263 -17.82 1.58 -23.51
CA HIS B 263 -16.64 2.36 -23.22
C HIS B 263 -15.46 2.05 -24.16
N ALA B 264 -15.20 0.77 -24.38
CA ALA B 264 -14.08 0.37 -25.23
C ALA B 264 -14.26 0.85 -26.67
N GLN B 265 -15.50 0.90 -27.14
CA GLN B 265 -15.78 1.38 -28.48
C GLN B 265 -15.61 2.89 -28.56
N LEU B 266 -15.96 3.57 -27.48
CA LEU B 266 -15.88 5.02 -27.43
C LEU B 266 -14.41 5.43 -27.36
N VAL B 267 -13.59 4.54 -26.82
CA VAL B 267 -12.17 4.79 -26.71
C VAL B 267 -11.45 4.51 -28.03
N GLN B 268 -11.75 3.39 -28.66
CA GLN B 268 -11.11 3.04 -29.90
C GLN B 268 -11.43 4.08 -30.97
N ILE B 269 -12.52 4.82 -30.75
CA ILE B 269 -12.88 5.86 -31.69
C ILE B 269 -12.03 7.12 -31.48
N ILE B 270 -11.87 7.51 -30.23
CA ILE B 270 -11.06 8.68 -29.89
C ILE B 270 -9.61 8.46 -30.33
N LYS B 271 -9.17 7.22 -30.26
CA LYS B 271 -7.83 6.83 -30.66
C LYS B 271 -7.62 7.00 -32.17
N LYS B 272 -8.64 6.64 -32.95
CA LYS B 272 -8.57 6.69 -34.40
C LYS B 272 -8.93 8.06 -34.97
N THR B 273 -9.45 8.94 -34.13
CA THR B 273 -10.02 10.21 -34.60
C THR B 273 -9.33 11.41 -33.98
N GLU B 274 -8.41 11.16 -33.06
CA GLU B 274 -7.70 12.26 -32.44
C GLU B 274 -6.19 12.06 -32.50
N SER B 275 -5.53 12.83 -33.37
CA SER B 275 -4.08 12.77 -33.51
C SER B 275 -3.39 13.04 -32.17
N ASP B 276 -4.04 13.83 -31.32
CA ASP B 276 -3.49 14.17 -30.02
C ASP B 276 -3.55 13.02 -29.04
N ALA B 277 -4.77 12.65 -28.66
CA ALA B 277 -4.99 11.61 -27.65
C ALA B 277 -4.29 10.30 -28.01
N ALA B 278 -3.48 9.80 -27.10
CA ALA B 278 -2.74 8.56 -27.33
C ALA B 278 -2.95 7.57 -26.18
N LEU B 279 -3.12 6.30 -26.53
CA LEU B 279 -3.30 5.23 -25.56
C LEU B 279 -2.01 4.67 -24.97
N HIS B 280 -1.90 4.70 -23.65
CA HIS B 280 -0.86 4.00 -22.90
C HIS B 280 -0.77 2.56 -23.36
N PRO B 281 0.45 2.05 -23.51
CA PRO B 281 0.69 0.68 -24.00
C PRO B 281 -0.12 -0.40 -23.26
N LEU B 282 -0.18 -0.30 -21.92
CA LEU B 282 -0.90 -1.31 -21.12
C LEU B 282 -2.38 -1.31 -21.46
N LEU B 283 -2.97 -0.12 -21.45
CA LEU B 283 -4.38 0.04 -21.75
C LEU B 283 -4.72 -0.53 -23.13
N GLN B 284 -3.90 -0.16 -24.11
CA GLN B 284 -3.99 -0.64 -25.48
C GLN B 284 -4.03 -2.17 -25.60
N GLU B 285 -3.18 -2.87 -24.86
CA GLU B 285 -3.24 -4.34 -24.79
C GLU B 285 -4.65 -4.80 -24.38
N ILE B 286 -5.24 -4.08 -23.44
CA ILE B 286 -6.52 -4.50 -22.89
C ILE B 286 -7.67 -4.16 -23.86
N TYR B 287 -7.67 -2.93 -24.36
CA TYR B 287 -8.71 -2.48 -25.28
C TYR B 287 -8.69 -3.27 -26.57
N ARG B 288 -7.47 -3.57 -27.03
CA ARG B 288 -7.21 -4.16 -28.34
C ARG B 288 -7.92 -5.50 -28.52
N ASP B 289 -8.81 -5.56 -29.51
CA ASP B 289 -9.50 -6.81 -29.86
C ASP B 289 -10.42 -7.30 -28.74
N MET B 290 -10.97 -6.38 -27.96
CA MET B 290 -11.80 -6.73 -26.82
C MET B 290 -13.25 -6.98 -27.21
N TYR B 291 -13.97 -5.89 -27.48
CA TYR B 291 -15.36 -5.97 -27.91
C TYR B 291 -15.57 -5.34 -29.30
N SER C 2 1.85 19.93 26.31
CA SER C 2 1.14 18.67 26.10
C SER C 2 1.75 17.86 24.97
N LEU C 3 1.29 16.61 24.82
CA LEU C 3 1.83 15.70 23.81
C LEU C 3 0.98 15.70 22.55
N THR C 4 -0.32 15.50 22.72
CA THR C 4 -1.24 15.51 21.60
C THR C 4 -1.01 16.73 20.72
N GLU C 5 -0.41 17.76 21.30
CA GLU C 5 -0.14 19.01 20.59
C GLU C 5 1.25 19.01 19.97
N ARG C 6 2.24 18.57 20.73
CA ARG C 6 3.61 18.54 20.24
C ARG C 6 3.85 17.33 19.32
N HIS C 7 2.80 16.55 19.09
CA HIS C 7 2.84 15.42 18.16
C HIS C 7 1.59 15.40 17.31
N LYS C 8 1.43 16.44 16.51
CA LYS C 8 0.26 16.64 15.67
C LYS C 8 0.03 15.47 14.72
N ILE C 9 0.83 15.41 13.65
CA ILE C 9 0.69 14.38 12.63
C ILE C 9 0.54 12.98 13.21
N LEU C 10 1.46 12.63 14.10
CA LEU C 10 1.44 11.34 14.78
C LEU C 10 0.06 11.10 15.38
N HIS C 11 -0.40 12.08 16.15
CA HIS C 11 -1.70 12.00 16.82
C HIS C 11 -2.82 11.72 15.82
N ARG C 12 -2.78 12.39 14.68
CA ARG C 12 -3.81 12.26 13.66
C ARG C 12 -3.82 10.84 13.10
N LEU C 13 -2.64 10.25 12.98
CA LEU C 13 -2.51 8.87 12.55
C LEU C 13 -3.15 7.95 13.58
N LEU C 14 -2.98 8.27 14.85
CA LEU C 14 -3.49 7.43 15.94
C LEU C 14 -5.01 7.24 15.93
N GLN C 15 -5.73 8.18 15.33
CA GLN C 15 -7.19 8.16 15.38
C GLN C 15 -7.82 7.82 14.03
N GLU C 16 -7.94 6.53 13.75
CA GLU C 16 -8.52 6.06 12.50
C GLU C 16 -7.74 6.54 11.28
N SER D 1 -0.44 -15.93 -33.26
CA SER D 1 0.42 -15.95 -32.09
C SER D 1 -0.31 -16.50 -30.86
N SER D 2 0.23 -16.22 -29.68
CA SER D 2 -0.39 -16.65 -28.43
C SER D 2 -0.96 -15.45 -27.68
N LEU D 3 -1.94 -15.71 -26.83
CA LEU D 3 -2.62 -14.68 -26.06
C LEU D 3 -1.63 -13.90 -25.20
N THR D 4 -0.82 -14.66 -24.47
CA THR D 4 0.24 -14.08 -23.66
C THR D 4 1.10 -13.12 -24.47
N GLU D 5 1.31 -13.45 -25.74
CA GLU D 5 2.18 -12.64 -26.60
C GLU D 5 1.55 -11.29 -26.93
N ARG D 6 0.23 -11.25 -27.06
CA ARG D 6 -0.47 -10.00 -27.36
C ARG D 6 -0.68 -9.09 -26.14
N HIS D 7 -0.39 -9.62 -24.96
CA HIS D 7 -0.46 -8.85 -23.71
C HIS D 7 0.86 -8.96 -22.95
N LYS D 8 1.92 -8.39 -23.52
CA LYS D 8 3.25 -8.57 -22.96
C LYS D 8 3.41 -7.87 -21.62
N ILE D 9 3.00 -6.60 -21.57
CA ILE D 9 3.01 -5.85 -20.31
C ILE D 9 2.11 -6.46 -19.23
N LEU D 10 0.87 -6.75 -19.60
CA LEU D 10 -0.06 -7.41 -18.70
C LEU D 10 0.58 -8.68 -18.19
N HIS D 11 1.17 -9.44 -19.10
CA HIS D 11 1.80 -10.72 -18.76
C HIS D 11 3.03 -10.49 -17.90
N ARG D 12 3.71 -9.36 -18.13
CA ARG D 12 4.85 -9.01 -17.30
C ARG D 12 4.37 -8.73 -15.87
N LEU D 13 3.26 -8.01 -15.75
CA LEU D 13 2.60 -7.81 -14.44
C LEU D 13 2.30 -9.10 -13.67
N LEU D 14 1.71 -10.09 -14.36
CA LEU D 14 1.30 -11.34 -13.74
C LEU D 14 2.47 -12.22 -13.30
N GLN D 15 3.46 -12.31 -14.19
CA GLN D 15 4.48 -13.35 -14.14
C GLN D 15 5.21 -13.50 -12.80
N GLU D 16 5.76 -12.42 -12.29
CA GLU D 16 6.49 -12.44 -11.02
C GLU D 16 6.12 -11.26 -10.14
C13 ET1 E . 16.77 10.43 9.12
C17 ET1 E . 16.02 4.13 7.65
C20 ET1 E . 17.22 3.36 5.25
C21 ET1 E . 17.95 3.92 6.32
N01 ET1 E . 18.66 6.52 8.29
C02 ET1 E . 17.82 7.67 8.49
C03 ET1 E . 18.35 8.82 7.92
C04 ET1 E . 19.61 8.45 7.27
C05 ET1 E . 19.78 7.05 7.50
C06 ET1 E . 21.71 8.56 6.01
C07 ET1 E . 21.89 7.18 6.22
C08 ET1 E . 20.94 6.44 6.95
C09 ET1 E . 20.57 9.17 6.53
O10 ET1 E . 22.61 9.34 5.30
C11 ET1 E . 23.41 8.75 4.29
C12 ET1 E . 17.75 10.20 7.95
C14 ET1 E . 15.61 9.44 9.19
S15 ET1 E . 18.32 5.02 8.78
C16 ET1 E . 17.42 4.32 7.56
C18 ET1 E . 15.25 3.57 6.61
C19 ET1 E . 15.85 3.18 5.39
O22 ET1 E . 17.55 5.11 9.98
O23 ET1 E . 19.56 4.34 8.94
O24 ET1 E . 14.95 9.21 10.20
O25 ET1 E . 15.28 8.79 8.05
O26 ET1 E . 15.15 2.62 4.34
C27 ET1 E . 15.83 2.50 3.10
C13 ET1 F . -8.87 5.79 -21.18
C17 ET1 F . -11.38 5.91 -14.93
C20 ET1 F . -10.84 8.51 -14.07
C21 ET1 F . -11.58 8.25 -15.22
N01 ET1 F . -11.91 7.36 -18.29
C02 ET1 F . -10.79 6.73 -18.96
C03 ET1 F . -10.18 7.56 -19.88
C04 ET1 F . -10.87 8.86 -19.82
C05 ET1 F . -11.91 8.72 -18.85
C06 ET1 F . -11.53 11.19 -20.25
C07 ET1 F . -12.54 11.05 -19.29
C08 ET1 F . -12.72 9.84 -18.60
C09 ET1 F . -10.70 10.08 -20.51
O10 ET1 F . -11.31 12.35 -20.96
C11 ET1 F . -11.35 13.58 -20.25
C12 ET1 F . -9.01 7.27 -20.78
C14 ET1 F . -8.84 4.86 -19.97
S15 ET1 F . -12.79 6.71 -17.12
C16 ET1 F . -11.92 6.97 -15.72
C18 ET1 F . -10.63 6.14 -13.77
C19 ET1 F . -10.34 7.45 -13.32
O22 ET1 F . -12.91 5.32 -17.39
O23 ET1 F . -14.02 7.40 -17.08
O24 ET1 F . -9.13 3.68 -20.01
O25 ET1 F . -8.48 5.37 -18.77
O26 ET1 F . -9.62 7.73 -12.19
C27 ET1 F . -9.31 9.10 -12.01
#